data_9GN1
#
_entry.id   9GN1
#
_cell.length_a   146.117
_cell.length_b   146.117
_cell.length_c   146.117
_cell.angle_alpha   90
_cell.angle_beta   90
_cell.angle_gamma   90
#
_symmetry.space_group_name_H-M   'I 2 3'
#
loop_
_entity.id
_entity.type
_entity.pdbx_description
1 polymer Deacetylase
2 non-polymer 'POTASSIUM ION'
3 non-polymer 'ZINC ION'
4 non-polymer IMIDAZOLE
5 non-polymer 'ACETATE ION'
6 water water
#
_entity_poly.entity_id   1
_entity_poly.type   'polypeptide(L)'
_entity_poly.pdbx_seq_one_letter_code
;MAHHHHHHVGTMKRKTGFFFDERCFWHSTGLHAVTLPVGGWVQPPAGGGHAESPETKRRMKNLMDVSGLTPQLALRSAAP
ASLEDLRRIHPDSYLERFKAISDNGGGMLGKEAPLGPGSYEIACLSAGLACAAVEAVLKGELDNAYSLSRPPGHACLPDQ
SMGFCFLANIPIAVERAKAQLGLGKVAIIDWDVHHGNGTQHIYLQRDDVLTISLHQDGCFPPGYAGEDDRGVGAGEGYNI
NIPLLAGAGDDSWRYALETIVIPALARFEPELIIIACGYDANAMDPLARMQLHSDSFRAMTEQVQQAADRLCGGKLVMVH
EGGYAESYVPFCGLAVMEALSGIRTEVQDPLLEFIQQQQPRATFAQFQRQAIDRLAQQFGLQ
;
_entity_poly.pdbx_strand_id   A
#
# COMPACT_ATOMS: atom_id res chain seq x y z
N LYS A 13 -3.03 23.47 -12.69
CA LYS A 13 -3.11 22.46 -11.59
C LYS A 13 -2.13 21.30 -11.88
N ARG A 14 -2.54 20.06 -11.57
CA ARG A 14 -1.60 19.06 -11.07
C ARG A 14 -0.96 18.24 -12.21
N LYS A 15 0.38 18.23 -12.19
CA LYS A 15 1.23 17.27 -12.88
C LYS A 15 1.50 16.06 -11.97
N THR A 16 0.65 15.02 -12.17
CA THR A 16 0.61 13.73 -11.50
C THR A 16 1.26 12.64 -12.38
N GLY A 17 2.30 12.00 -11.84
CA GLY A 17 2.98 10.88 -12.46
C GLY A 17 2.33 9.52 -12.13
N PHE A 18 2.34 8.63 -13.12
CA PHE A 18 1.79 7.29 -12.97
C PHE A 18 2.84 6.38 -13.58
N PHE A 19 3.52 5.70 -12.65
CA PHE A 19 4.69 4.86 -12.86
C PHE A 19 4.22 3.41 -12.90
N PHE A 20 4.40 2.75 -14.04
CA PHE A 20 3.82 1.43 -14.29
C PHE A 20 4.70 0.78 -15.34
N ASP A 21 4.72 -0.55 -15.38
CA ASP A 21 5.39 -1.24 -16.49
C ASP A 21 4.68 -2.55 -16.77
N GLU A 22 4.46 -2.88 -18.06
CA GLU A 22 3.88 -4.16 -18.45
C GLU A 22 4.55 -5.36 -17.74
N ARG A 23 5.87 -5.33 -17.50
CA ARG A 23 6.59 -6.43 -16.91
C ARG A 23 6.06 -6.78 -15.52
N CYS A 24 5.55 -5.81 -14.77
CA CYS A 24 5.05 -6.08 -13.45
C CYS A 24 3.82 -7.00 -13.50
N PHE A 25 3.12 -7.07 -14.62
CA PHE A 25 1.96 -7.97 -14.73
C PHE A 25 2.34 -9.40 -15.12
N TRP A 26 3.64 -9.62 -15.34
CA TRP A 26 4.17 -10.93 -15.74
C TRP A 26 4.70 -11.77 -14.58
N HIS A 27 4.84 -11.17 -13.39
CA HIS A 27 5.30 -11.93 -12.23
C HIS A 27 4.22 -12.95 -11.84
N SER A 28 4.59 -14.21 -11.65
CA SER A 28 3.63 -15.27 -11.34
C SER A 28 4.02 -15.99 -10.04
N THR A 29 3.04 -16.63 -9.39
CA THR A 29 3.25 -17.30 -8.10
C THR A 29 2.80 -18.76 -8.17
N GLY A 30 2.57 -19.28 -9.37
CA GLY A 30 2.24 -20.68 -9.53
C GLY A 30 0.79 -20.94 -9.19
N LEU A 31 0.48 -22.17 -8.82
CA LEU A 31 -0.88 -22.67 -8.79
C LEU A 31 -1.45 -22.58 -7.38
N HIS A 32 -2.49 -21.76 -7.33
CA HIS A 32 -3.13 -21.43 -6.09
C HIS A 32 -4.64 -21.48 -6.28
N ALA A 33 -5.34 -21.95 -5.25
CA ALA A 33 -6.78 -21.88 -5.19
C ALA A 33 -7.07 -20.73 -4.26
N VAL A 34 -7.24 -19.55 -4.87
CA VAL A 34 -7.28 -18.26 -4.17
C VAL A 34 -6.01 -18.05 -3.31
N THR A 35 -6.00 -18.41 -2.04
CA THR A 35 -4.82 -18.14 -1.27
C THR A 35 -4.08 -19.46 -0.99
N LEU A 36 -4.73 -20.58 -1.29
CA LEU A 36 -4.26 -21.86 -0.83
C LEU A 36 -3.37 -22.48 -1.88
N PRO A 37 -2.17 -22.98 -1.55
CA PRO A 37 -1.39 -23.74 -2.53
C PRO A 37 -2.21 -24.97 -2.94
N VAL A 38 -1.96 -25.48 -4.16
CA VAL A 38 -2.58 -26.70 -4.62
C VAL A 38 -1.87 -27.89 -4.02
N GLY A 39 -2.68 -28.88 -3.63
CA GLY A 39 -2.29 -30.23 -3.20
C GLY A 39 -2.96 -30.60 -1.87
N GLY A 40 -2.76 -31.81 -1.46
CA GLY A 40 -3.44 -32.31 -0.31
C GLY A 40 -4.92 -32.29 -0.61
N TRP A 41 -5.66 -31.60 0.25
CA TRP A 41 -7.11 -31.55 0.17
C TRP A 41 -7.54 -30.34 -0.66
N VAL A 42 -6.58 -29.54 -1.20
CA VAL A 42 -6.92 -28.42 -2.04
C VAL A 42 -6.83 -28.82 -3.51
N GLN A 43 -8.02 -28.88 -4.10
CA GLN A 43 -8.22 -29.34 -5.45
C GLN A 43 -7.70 -28.26 -6.40
N PRO A 44 -6.99 -28.59 -7.50
CA PRO A 44 -6.63 -27.57 -8.48
C PRO A 44 -7.84 -26.75 -8.96
N PRO A 45 -7.70 -25.44 -9.12
CA PRO A 45 -8.80 -24.59 -9.59
C PRO A 45 -8.98 -24.81 -11.08
N ALA A 46 -10.21 -24.78 -11.60
CA ALA A 46 -10.48 -24.77 -13.03
C ALA A 46 -10.41 -23.30 -13.48
N GLY A 47 -10.88 -22.36 -12.64
CA GLY A 47 -10.56 -20.95 -12.83
C GLY A 47 -9.04 -20.64 -12.97
N GLY A 48 -8.74 -19.34 -12.92
CA GLY A 48 -7.40 -18.86 -12.70
C GLY A 48 -7.27 -18.42 -11.25
N GLY A 49 -7.32 -19.40 -10.33
CA GLY A 49 -7.14 -19.13 -8.91
C GLY A 49 -5.75 -18.53 -8.57
N HIS A 50 -5.79 -17.53 -7.71
CA HIS A 50 -4.65 -16.98 -7.00
C HIS A 50 -4.89 -15.47 -6.94
N ALA A 51 -5.20 -15.03 -5.71
CA ALA A 51 -5.80 -13.73 -5.43
C ALA A 51 -4.91 -12.63 -5.99
N GLU A 52 -3.59 -12.80 -5.80
CA GLU A 52 -2.60 -11.81 -6.21
C GLU A 52 -2.38 -11.88 -7.73
N SER A 53 -3.47 -11.81 -8.51
CA SER A 53 -3.39 -11.93 -9.95
C SER A 53 -2.95 -10.59 -10.55
N PRO A 54 -2.29 -10.64 -11.72
CA PRO A 54 -2.09 -9.45 -12.52
C PRO A 54 -3.38 -8.68 -12.73
N GLU A 55 -4.48 -9.41 -12.95
CA GLU A 55 -5.77 -8.86 -13.39
C GLU A 55 -6.25 -7.76 -12.42
N THR A 56 -6.01 -7.90 -11.14
CA THR A 56 -6.53 -6.90 -10.19
C THR A 56 -5.96 -5.54 -10.57
N LYS A 57 -4.63 -5.52 -10.73
CA LYS A 57 -3.92 -4.32 -11.13
C LYS A 57 -4.13 -3.91 -12.60
N ARG A 58 -4.14 -4.82 -13.57
CA ARG A 58 -4.30 -4.44 -14.98
C ARG A 58 -5.66 -3.78 -15.18
N ARG A 59 -6.69 -4.33 -14.52
CA ARG A 59 -8.03 -3.83 -14.72
C ARG A 59 -8.09 -2.35 -14.36
N MET A 60 -7.31 -1.93 -13.37
CA MET A 60 -7.29 -0.55 -12.92
C MET A 60 -6.79 0.29 -14.07
N LYS A 61 -5.60 -0.03 -14.59
CA LYS A 61 -5.02 0.74 -15.67
C LYS A 61 -5.92 0.72 -16.91
N ASN A 62 -6.65 -0.37 -17.13
CA ASN A 62 -7.46 -0.48 -18.33
C ASN A 62 -8.63 0.50 -18.25
N LEU A 63 -9.21 0.56 -17.03
CA LEU A 63 -10.29 1.47 -16.77
C LEU A 63 -9.84 2.94 -16.80
N MET A 64 -8.62 3.25 -16.34
CA MET A 64 -8.01 4.58 -16.51
C MET A 64 -7.95 4.93 -18.00
N ASP A 65 -7.52 3.99 -18.84
CA ASP A 65 -7.39 4.23 -20.24
C ASP A 65 -8.76 4.51 -20.84
N VAL A 66 -9.74 3.67 -20.61
CA VAL A 66 -11.01 3.81 -21.29
C VAL A 66 -11.76 5.03 -20.72
N SER A 67 -11.51 5.41 -19.46
CA SER A 67 -12.16 6.56 -18.87
C SER A 67 -11.62 7.87 -19.44
N GLY A 68 -10.50 7.88 -20.15
CA GLY A 68 -9.92 9.12 -20.66
C GLY A 68 -8.87 9.70 -19.69
N LEU A 69 -8.70 9.10 -18.52
CA LEU A 69 -7.80 9.72 -17.55
C LEU A 69 -6.35 9.63 -17.98
N THR A 70 -5.92 8.45 -18.44
CA THR A 70 -4.51 8.13 -18.65
C THR A 70 -3.78 9.22 -19.46
N PRO A 71 -4.29 9.70 -20.60
CA PRO A 71 -3.54 10.68 -21.40
C PRO A 71 -3.21 12.00 -20.68
N GLN A 72 -3.95 12.26 -19.59
CA GLN A 72 -3.78 13.50 -18.85
C GLN A 72 -2.84 13.33 -17.68
N LEU A 73 -2.15 12.18 -17.57
CA LEU A 73 -1.14 11.96 -16.52
C LEU A 73 0.24 11.87 -17.14
N ALA A 74 1.26 12.05 -16.33
CA ALA A 74 2.62 11.83 -16.77
C ALA A 74 2.97 10.35 -16.52
N LEU A 75 2.93 9.54 -17.58
CA LEU A 75 3.21 8.12 -17.59
C LEU A 75 4.70 7.94 -17.59
N ARG A 76 5.16 7.00 -16.79
CA ARG A 76 6.57 6.74 -16.78
C ARG A 76 6.73 5.30 -16.31
N SER A 77 7.89 4.74 -16.66
CA SER A 77 8.45 3.53 -16.16
C SER A 77 9.65 3.96 -15.35
N ALA A 78 10.62 3.06 -15.19
CA ALA A 78 11.77 3.31 -14.35
C ALA A 78 12.82 2.24 -14.63
N ALA A 79 14.08 2.59 -14.36
CA ALA A 79 15.10 1.57 -14.25
C ALA A 79 14.77 0.81 -12.98
N PRO A 80 15.07 -0.52 -12.92
CA PRO A 80 14.87 -1.32 -11.70
C PRO A 80 15.76 -0.79 -10.59
N ALA A 81 15.40 -1.05 -9.34
CA ALA A 81 16.29 -0.74 -8.21
C ALA A 81 17.61 -1.51 -8.30
N SER A 82 18.73 -0.82 -8.00
CA SER A 82 20.06 -1.37 -8.20
C SER A 82 20.28 -2.38 -7.10
N LEU A 83 21.24 -3.27 -7.27
CA LEU A 83 21.72 -4.08 -6.14
C LEU A 83 21.99 -3.22 -4.92
N GLU A 84 22.56 -2.03 -5.14
CA GLU A 84 22.99 -1.24 -4.00
C GLU A 84 21.73 -0.70 -3.35
N ASP A 85 20.71 -0.32 -4.16
CA ASP A 85 19.45 0.10 -3.59
C ASP A 85 18.88 -0.98 -2.67
N LEU A 86 19.02 -2.25 -3.10
CA LEU A 86 18.32 -3.30 -2.41
C LEU A 86 19.01 -3.50 -1.08
N ARG A 87 20.34 -3.32 -1.11
CA ARG A 87 21.16 -3.62 0.07
C ARG A 87 21.06 -2.64 1.23
N ARG A 88 20.52 -1.45 0.99
CA ARG A 88 20.21 -0.54 2.08
C ARG A 88 19.18 -1.14 3.04
N ILE A 89 18.36 -2.12 2.59
CA ILE A 89 17.34 -2.73 3.41
C ILE A 89 17.61 -4.22 3.66
N HIS A 90 17.98 -4.96 2.61
CA HIS A 90 18.04 -6.42 2.63
C HIS A 90 19.48 -6.91 2.68
N PRO A 91 19.78 -7.94 3.49
CA PRO A 91 21.10 -8.59 3.49
C PRO A 91 21.24 -9.51 2.29
N ASP A 92 22.48 -9.70 1.86
CA ASP A 92 22.79 -10.46 0.67
C ASP A 92 22.23 -11.87 0.69
N SER A 93 22.32 -12.59 1.82
CA SER A 93 21.91 -13.98 1.83
C SER A 93 20.45 -14.07 1.39
N TYR A 94 19.61 -13.11 1.81
CA TYR A 94 18.20 -13.08 1.46
C TYR A 94 18.08 -12.77 -0.03
N LEU A 95 18.76 -11.72 -0.51
CA LEU A 95 18.69 -11.38 -1.92
C LEU A 95 19.16 -12.56 -2.77
N GLU A 96 20.23 -13.22 -2.38
CA GLU A 96 20.81 -14.28 -3.20
C GLU A 96 19.87 -15.47 -3.32
N ARG A 97 19.15 -15.73 -2.23
CA ARG A 97 18.26 -16.86 -2.12
C ARG A 97 16.99 -16.60 -2.93
N PHE A 98 16.44 -15.39 -2.85
CA PHE A 98 15.33 -15.02 -3.71
C PHE A 98 15.78 -15.03 -5.18
N LYS A 99 16.90 -14.42 -5.51
CA LYS A 99 17.43 -14.56 -6.86
C LYS A 99 17.55 -16.02 -7.27
N ALA A 100 17.86 -16.96 -6.34
CA ALA A 100 18.18 -18.30 -6.79
C ALA A 100 16.89 -19.05 -7.10
N ILE A 101 15.85 -18.83 -6.34
CA ILE A 101 14.59 -19.43 -6.72
C ILE A 101 14.06 -18.88 -8.06
N SER A 102 14.08 -17.54 -8.21
CA SER A 102 13.72 -16.88 -9.45
C SER A 102 14.41 -17.54 -10.66
N ASP A 103 15.68 -17.92 -10.51
CA ASP A 103 16.51 -18.35 -11.62
C ASP A 103 16.35 -19.84 -11.86
N ASN A 104 15.63 -20.54 -10.99
CA ASN A 104 15.19 -21.93 -11.11
C ASN A 104 13.93 -22.03 -11.95
N GLY A 105 13.06 -21.02 -11.82
CA GLY A 105 11.64 -21.19 -12.08
C GLY A 105 10.69 -21.17 -10.86
N GLY A 106 11.07 -21.30 -9.56
CA GLY A 106 9.98 -21.62 -8.61
C GLY A 106 10.26 -22.00 -7.14
N GLY A 107 10.80 -23.21 -6.85
CA GLY A 107 10.90 -23.77 -5.48
C GLY A 107 9.79 -23.28 -4.51
N MET A 108 10.15 -22.25 -3.67
CA MET A 108 9.49 -21.67 -2.48
C MET A 108 10.53 -20.85 -1.66
N LEU A 109 10.19 -19.80 -0.86
CA LEU A 109 11.17 -18.97 -0.13
C LEU A 109 10.95 -18.95 1.40
N GLY A 110 10.94 -20.14 2.05
CA GLY A 110 10.45 -20.32 3.43
C GLY A 110 8.92 -20.44 3.50
N LYS A 111 8.37 -20.55 4.74
CA LYS A 111 6.93 -20.73 5.02
C LYS A 111 6.01 -19.77 4.23
N GLU A 112 5.07 -20.34 3.43
CA GLU A 112 4.09 -19.60 2.63
C GLU A 112 4.72 -18.34 2.01
N ALA A 113 5.48 -18.52 0.88
CA ALA A 113 6.08 -17.45 0.05
C ALA A 113 6.57 -17.90 -1.37
N PRO A 114 5.71 -18.06 -2.43
CA PRO A 114 6.13 -18.63 -3.73
C PRO A 114 6.13 -17.59 -4.85
N LEU A 115 7.18 -17.75 -5.67
CA LEU A 115 7.34 -16.92 -6.84
C LEU A 115 7.35 -17.76 -8.11
N GLY A 116 7.73 -17.09 -9.18
CA GLY A 116 7.93 -17.74 -10.44
C GLY A 116 9.23 -17.33 -11.11
N PRO A 117 9.46 -17.85 -12.33
CA PRO A 117 10.68 -17.54 -13.07
C PRO A 117 10.71 -16.04 -13.35
N GLY A 118 11.86 -15.45 -13.08
CA GLY A 118 12.13 -14.04 -13.32
C GLY A 118 11.43 -13.07 -12.35
N SER A 119 10.90 -13.56 -11.22
CA SER A 119 10.30 -12.70 -10.20
C SER A 119 11.31 -11.74 -9.58
N TYR A 120 12.56 -12.21 -9.48
CA TYR A 120 13.61 -11.32 -8.98
C TYR A 120 13.67 -10.00 -9.77
N GLU A 121 13.90 -10.10 -11.08
CA GLU A 121 14.07 -8.95 -11.94
C GLU A 121 12.80 -8.13 -11.90
N ILE A 122 11.64 -8.78 -11.87
CA ILE A 122 10.39 -8.03 -11.83
C ILE A 122 10.19 -7.35 -10.48
N ALA A 123 10.68 -7.95 -9.39
CA ALA A 123 10.50 -7.30 -8.10
C ALA A 123 11.40 -6.08 -8.01
N CYS A 124 12.60 -6.17 -8.57
CA CYS A 124 13.52 -5.05 -8.64
C CYS A 124 12.91 -3.89 -9.42
N LEU A 125 12.29 -4.21 -10.56
CA LEU A 125 11.51 -3.24 -11.32
C LEU A 125 10.37 -2.62 -10.51
N SER A 126 9.56 -3.41 -9.84
CA SER A 126 8.49 -2.88 -9.01
C SER A 126 9.04 -1.88 -8.01
N ALA A 127 10.16 -2.23 -7.38
CA ALA A 127 10.74 -1.33 -6.38
C ALA A 127 11.32 -0.06 -7.02
N GLY A 128 11.84 -0.19 -8.26
CA GLY A 128 12.36 0.95 -9.02
C GLY A 128 11.33 2.03 -9.36
N LEU A 129 10.14 1.56 -9.72
CA LEU A 129 9.00 2.42 -9.95
C LEU A 129 8.75 3.27 -8.70
N ALA A 130 8.76 2.65 -7.51
CA ALA A 130 8.57 3.38 -6.28
C ALA A 130 9.73 4.36 -6.10
N CYS A 131 10.97 3.89 -6.30
CA CYS A 131 12.11 4.79 -6.19
C CYS A 131 11.96 6.04 -7.06
N ALA A 132 11.59 5.85 -8.33
CA ALA A 132 11.52 6.93 -9.29
C ALA A 132 10.37 7.90 -8.96
N ALA A 133 9.25 7.35 -8.51
CA ALA A 133 8.11 8.14 -8.08
C ALA A 133 8.50 9.09 -6.93
N VAL A 134 9.23 8.55 -5.94
CA VAL A 134 9.70 9.34 -4.84
C VAL A 134 10.63 10.46 -5.33
N GLU A 135 11.56 10.12 -6.20
CA GLU A 135 12.53 11.09 -6.67
C GLU A 135 11.87 12.19 -7.50
N ALA A 136 10.98 11.83 -8.43
CA ALA A 136 10.43 12.84 -9.31
C ALA A 136 9.64 13.87 -8.50
N VAL A 137 8.95 13.42 -7.46
CA VAL A 137 8.15 14.31 -6.67
C VAL A 137 9.08 15.18 -5.85
N LEU A 138 10.17 14.59 -5.31
CA LEU A 138 11.07 15.31 -4.43
C LEU A 138 11.78 16.43 -5.18
N LYS A 139 12.12 16.20 -6.43
CA LYS A 139 12.86 17.13 -7.27
C LYS A 139 11.96 18.20 -7.85
N GLY A 140 10.66 18.05 -7.72
CA GLY A 140 9.75 19.06 -8.23
C GLY A 140 9.44 18.86 -9.71
N GLU A 141 9.80 17.69 -10.30
CA GLU A 141 9.35 17.33 -11.64
C GLU A 141 7.84 17.10 -11.67
N LEU A 142 7.28 16.60 -10.56
CA LEU A 142 5.89 16.20 -10.47
C LEU A 142 5.35 16.72 -9.14
N ASP A 143 4.08 17.09 -9.16
CA ASP A 143 3.41 17.57 -7.96
C ASP A 143 3.20 16.41 -7.02
N ASN A 144 2.73 15.30 -7.61
CA ASN A 144 2.49 14.08 -6.88
C ASN A 144 2.62 12.90 -7.85
N ALA A 145 2.47 11.69 -7.31
CA ALA A 145 2.78 10.52 -8.10
C ALA A 145 2.22 9.23 -7.50
N TYR A 146 1.82 8.34 -8.41
CA TYR A 146 1.41 6.99 -8.09
C TYR A 146 2.33 5.98 -8.75
N SER A 147 2.58 4.85 -8.08
CA SER A 147 3.41 3.78 -8.58
C SER A 147 2.62 2.48 -8.48
N LEU A 148 2.33 1.89 -9.63
CA LEU A 148 1.65 0.60 -9.71
C LEU A 148 2.70 -0.50 -9.57
N SER A 149 3.15 -0.62 -8.31
CA SER A 149 4.26 -1.49 -7.96
C SER A 149 3.70 -2.88 -7.70
N ARG A 150 3.99 -3.82 -8.60
CA ARG A 150 3.67 -5.22 -8.41
C ARG A 150 4.90 -6.07 -8.72
N PRO A 151 5.31 -7.03 -7.86
CA PRO A 151 4.64 -7.33 -6.59
C PRO A 151 4.75 -6.27 -5.49
N PRO A 152 3.85 -6.33 -4.48
CA PRO A 152 3.84 -5.36 -3.40
C PRO A 152 5.01 -5.52 -2.46
N GLY A 153 5.07 -4.64 -1.42
CA GLY A 153 6.26 -4.55 -0.59
C GLY A 153 6.00 -4.48 0.91
N HIS A 154 4.81 -4.04 1.33
CA HIS A 154 4.69 -3.53 2.69
C HIS A 154 4.79 -4.63 3.76
N ALA A 155 4.80 -5.91 3.37
CA ALA A 155 4.85 -6.97 4.38
C ALA A 155 6.24 -7.59 4.41
N CYS A 156 7.09 -7.16 3.46
CA CYS A 156 8.39 -7.81 3.31
C CYS A 156 9.29 -7.43 4.50
N LEU A 157 9.84 -8.42 5.18
CA LEU A 157 10.88 -8.15 6.16
C LEU A 157 12.21 -8.10 5.43
N PRO A 158 13.28 -7.55 6.02
CA PRO A 158 14.60 -7.54 5.42
C PRO A 158 15.08 -8.90 4.92
N ASP A 159 14.82 -9.92 5.73
CA ASP A 159 15.31 -11.26 5.51
C ASP A 159 14.19 -12.31 5.37
N GLN A 160 12.94 -11.90 5.17
CA GLN A 160 11.86 -12.84 4.97
C GLN A 160 10.74 -12.22 4.15
N SER A 161 10.50 -12.86 3.02
CA SER A 161 9.31 -12.72 2.21
C SER A 161 8.06 -13.05 3.02
N MET A 162 6.99 -12.29 2.78
CA MET A 162 5.79 -12.44 3.53
C MET A 162 4.68 -11.76 2.73
N GLY A 163 3.50 -12.37 2.79
CA GLY A 163 2.31 -11.71 2.30
C GLY A 163 2.47 -11.25 0.85
N PHE A 164 2.95 -12.15 -0.03
CA PHE A 164 3.06 -11.87 -1.46
C PHE A 164 4.14 -10.84 -1.76
N CYS A 165 4.95 -10.39 -0.78
CA CYS A 165 5.91 -9.31 -0.97
C CYS A 165 7.31 -9.91 -0.95
N PHE A 166 8.23 -9.39 -1.75
CA PHE A 166 9.56 -10.00 -1.81
C PHE A 166 10.66 -8.99 -1.56
N LEU A 167 10.39 -7.69 -1.83
CA LEU A 167 11.26 -6.59 -1.55
C LEU A 167 10.44 -5.50 -0.86
N ALA A 168 11.17 -4.69 -0.08
CA ALA A 168 10.50 -3.65 0.67
C ALA A 168 10.40 -2.39 -0.20
N ASN A 169 9.46 -2.39 -1.14
CA ASN A 169 9.36 -1.30 -2.13
C ASN A 169 9.45 0.10 -1.52
N ILE A 170 8.61 0.46 -0.56
CA ILE A 170 8.67 1.81 -0.05
C ILE A 170 9.98 2.08 0.71
N PRO A 171 10.42 1.32 1.73
CA PRO A 171 11.73 1.59 2.34
C PRO A 171 12.94 1.67 1.41
N ILE A 172 12.99 0.82 0.39
CA ILE A 172 14.04 0.94 -0.57
C ILE A 172 13.98 2.31 -1.23
N ALA A 173 12.81 2.78 -1.70
CA ALA A 173 12.68 4.12 -2.30
C ALA A 173 13.15 5.26 -1.34
N VAL A 174 12.82 5.13 -0.05
CA VAL A 174 13.04 6.13 0.97
C VAL A 174 14.51 6.19 1.30
N GLU A 175 15.12 5.04 1.57
CA GLU A 175 16.56 5.07 1.86
C GLU A 175 17.39 5.51 0.64
N ARG A 176 16.94 5.22 -0.59
CA ARG A 176 17.61 5.77 -1.76
C ARG A 176 17.50 7.32 -1.81
N ALA A 177 16.35 7.87 -1.44
CA ALA A 177 16.12 9.31 -1.42
C ALA A 177 16.92 9.94 -0.27
N LYS A 178 17.01 9.24 0.84
CA LYS A 178 17.84 9.66 1.96
C LYS A 178 19.29 9.70 1.58
N ALA A 179 19.73 8.85 0.67
CA ALA A 179 21.18 8.82 0.46
C ALA A 179 21.59 9.68 -0.72
N GLN A 180 20.71 9.92 -1.68
CA GLN A 180 21.11 10.55 -2.91
C GLN A 180 20.49 11.95 -3.01
N LEU A 181 19.41 12.22 -2.26
CA LEU A 181 18.76 13.54 -2.36
C LEU A 181 18.56 14.21 -1.00
N GLY A 182 19.26 13.81 0.08
CA GLY A 182 19.12 14.42 1.40
C GLY A 182 17.66 14.55 1.86
N LEU A 183 16.85 13.51 1.66
CA LEU A 183 15.51 13.46 2.22
C LEU A 183 15.61 13.44 3.73
N GLY A 184 14.84 14.31 4.38
CA GLY A 184 14.77 14.33 5.85
C GLY A 184 13.55 13.53 6.34
N LYS A 185 12.75 14.07 7.24
CA LYS A 185 11.59 13.37 7.72
C LYS A 185 10.59 13.04 6.62
N VAL A 186 10.00 11.86 6.84
CA VAL A 186 9.02 11.33 5.92
C VAL A 186 8.04 10.51 6.75
N ALA A 187 6.77 10.67 6.39
CA ALA A 187 5.68 9.92 6.94
C ALA A 187 5.15 8.93 5.89
N ILE A 188 5.00 7.70 6.32
CA ILE A 188 4.45 6.62 5.55
C ILE A 188 3.14 6.19 6.21
N ILE A 189 2.07 6.34 5.46
CA ILE A 189 0.74 6.04 5.94
C ILE A 189 0.23 4.84 5.15
N ASP A 190 -0.19 3.79 5.86
CA ASP A 190 -0.47 2.52 5.21
C ASP A 190 -1.93 2.17 5.41
N TRP A 191 -2.75 2.31 4.33
CA TRP A 191 -4.20 2.04 4.43
C TRP A 191 -4.62 0.82 3.61
N ASP A 192 -3.64 0.06 3.12
CA ASP A 192 -3.86 -1.35 2.87
C ASP A 192 -4.51 -1.93 4.12
N VAL A 193 -5.39 -2.91 3.95
CA VAL A 193 -6.18 -3.36 5.09
C VAL A 193 -5.35 -4.26 6.02
N HIS A 194 -4.19 -4.78 5.59
CA HIS A 194 -3.29 -5.59 6.42
C HIS A 194 -2.27 -4.68 7.12
N HIS A 195 -1.70 -5.14 8.25
CA HIS A 195 -0.66 -4.39 8.89
C HIS A 195 0.54 -4.17 7.96
N GLY A 196 1.08 -2.95 7.98
CA GLY A 196 2.38 -2.70 7.37
C GLY A 196 3.55 -3.24 8.20
N ASN A 197 3.60 -4.57 8.41
CA ASN A 197 4.55 -5.17 9.34
C ASN A 197 6.00 -4.97 8.87
N GLY A 198 6.23 -4.92 7.57
CA GLY A 198 7.57 -4.78 7.02
C GLY A 198 8.09 -3.36 7.21
N THR A 199 7.35 -2.34 6.76
CA THR A 199 7.66 -0.94 7.08
C THR A 199 7.91 -0.72 8.59
N GLN A 200 6.98 -1.15 9.43
CA GLN A 200 7.10 -0.96 10.87
C GLN A 200 8.43 -1.46 11.43
N HIS A 201 8.79 -2.71 11.10
CA HIS A 201 10.03 -3.38 11.49
C HIS A 201 11.24 -2.57 11.00
N ILE A 202 11.26 -2.17 9.71
CA ILE A 202 12.44 -1.50 9.23
C ILE A 202 12.68 -0.19 9.99
N TYR A 203 11.63 0.54 10.38
CA TYR A 203 11.77 1.88 10.94
C TYR A 203 11.49 1.92 12.44
N LEU A 204 11.53 0.74 13.10
CA LEU A 204 11.09 0.63 14.49
C LEU A 204 11.93 1.52 15.42
N GLN A 205 13.26 1.52 15.24
CA GLN A 205 14.20 2.24 16.09
C GLN A 205 14.50 3.66 15.56
N ARG A 206 13.73 4.19 14.60
CA ARG A 206 14.11 5.43 13.92
C ARG A 206 13.06 6.52 14.11
N ASP A 207 13.49 7.78 14.36
CA ASP A 207 12.61 8.93 14.61
C ASP A 207 12.42 9.79 13.35
N ASP A 208 13.10 9.42 12.26
CA ASP A 208 13.15 10.20 11.04
C ASP A 208 12.08 9.73 10.03
N VAL A 209 11.43 8.60 10.33
CA VAL A 209 10.31 8.15 9.53
C VAL A 209 9.15 7.77 10.45
N LEU A 210 8.03 8.47 10.28
CA LEU A 210 6.79 8.10 10.93
C LEU A 210 6.02 7.05 10.09
N THR A 211 5.74 5.90 10.71
CA THR A 211 5.05 4.79 10.09
C THR A 211 3.73 4.66 10.81
N ILE A 212 2.67 4.66 10.01
CA ILE A 212 1.32 4.62 10.56
C ILE A 212 0.59 3.56 9.77
N SER A 213 -0.16 2.72 10.48
CA SER A 213 -0.87 1.63 9.82
C SER A 213 -2.28 1.53 10.36
N LEU A 214 -3.21 1.69 9.42
CA LEU A 214 -4.62 1.41 9.60
C LEU A 214 -4.79 -0.01 9.11
N HIS A 215 -5.35 -0.89 9.92
CA HIS A 215 -5.56 -2.23 9.45
C HIS A 215 -6.61 -2.92 10.26
N GLN A 216 -7.08 -4.01 9.65
CA GLN A 216 -8.04 -4.88 10.26
C GLN A 216 -7.39 -5.63 11.41
N ASP A 217 -7.97 -5.47 12.60
CA ASP A 217 -7.56 -6.18 13.80
C ASP A 217 -7.45 -7.68 13.50
N GLY A 218 -6.20 -8.17 13.58
CA GLY A 218 -5.93 -9.60 13.60
C GLY A 218 -5.86 -10.26 12.22
N CYS A 219 -5.98 -9.49 11.15
CA CYS A 219 -6.11 -10.07 9.82
C CYS A 219 -4.77 -10.60 9.29
N PHE A 220 -3.80 -9.74 9.04
CA PHE A 220 -2.53 -10.19 8.50
C PHE A 220 -1.47 -9.17 8.90
N PRO A 221 -0.37 -9.61 9.56
CA PRO A 221 -0.20 -10.98 10.07
C PRO A 221 -1.31 -11.36 11.03
N PRO A 222 -1.67 -12.65 11.08
CA PRO A 222 -2.87 -13.06 11.82
C PRO A 222 -2.64 -12.86 13.32
N GLY A 223 -3.64 -12.27 13.96
CA GLY A 223 -3.65 -12.22 15.41
C GLY A 223 -2.84 -11.04 15.92
N TYR A 224 -2.40 -10.16 15.01
CA TYR A 224 -1.67 -8.96 15.38
C TYR A 224 -2.57 -7.72 15.27
N ALA A 225 -2.62 -6.98 16.40
CA ALA A 225 -3.36 -5.73 16.51
C ALA A 225 -2.42 -4.53 16.57
N GLY A 226 -1.49 -4.51 17.54
CA GLY A 226 -0.35 -3.63 17.45
C GLY A 226 -0.50 -2.29 18.15
N GLU A 227 -1.67 -1.90 18.65
CA GLU A 227 -1.83 -0.56 19.25
C GLU A 227 -0.75 -0.18 20.28
N ASP A 228 -0.15 -1.12 21.05
CA ASP A 228 0.78 -0.73 22.10
C ASP A 228 2.22 -0.80 21.63
N ASP A 229 2.42 -1.13 20.38
CA ASP A 229 3.74 -1.17 19.78
C ASP A 229 3.95 0.22 19.16
N ARG A 230 4.77 1.02 19.85
CA ARG A 230 4.98 2.44 19.55
C ARG A 230 6.37 2.72 18.98
N GLY A 231 7.27 1.72 18.97
CA GLY A 231 8.64 2.00 18.56
C GLY A 231 9.66 1.82 19.69
N VAL A 232 10.96 1.72 19.35
CA VAL A 232 12.00 1.33 20.31
C VAL A 232 13.12 2.37 20.26
N GLY A 233 13.75 2.65 21.43
CA GLY A 233 14.85 3.61 21.53
C GLY A 233 14.44 4.96 20.96
N ALA A 234 15.23 5.50 20.02
CA ALA A 234 14.87 6.80 19.47
C ALA A 234 13.53 6.76 18.74
N GLY A 235 13.11 5.58 18.28
CA GLY A 235 11.90 5.44 17.47
C GLY A 235 10.60 5.41 18.27
N GLU A 236 10.69 5.56 19.59
CA GLU A 236 9.51 5.49 20.45
C GLU A 236 8.62 6.74 20.32
N GLY A 237 7.35 6.50 19.96
CA GLY A 237 6.40 7.53 19.53
C GLY A 237 6.30 7.65 18.00
N TYR A 238 7.18 7.00 17.23
CA TYR A 238 7.29 7.23 15.78
C TYR A 238 6.74 6.04 14.98
N ASN A 239 5.98 5.17 15.67
CA ASN A 239 5.16 4.15 15.03
C ASN A 239 3.75 4.21 15.58
N ILE A 240 2.74 4.16 14.71
CA ILE A 240 1.36 4.28 15.12
C ILE A 240 0.56 3.20 14.42
N ASN A 241 -0.03 2.25 15.20
CA ASN A 241 -0.99 1.26 14.72
C ASN A 241 -2.44 1.54 15.15
N ILE A 242 -3.36 1.38 14.19
CA ILE A 242 -4.79 1.67 14.36
C ILE A 242 -5.60 0.43 13.97
N PRO A 243 -5.78 -0.54 14.92
CA PRO A 243 -6.54 -1.76 14.64
C PRO A 243 -8.06 -1.57 14.66
N LEU A 244 -8.56 -1.35 13.46
CA LEU A 244 -9.96 -1.20 13.19
C LEU A 244 -10.66 -2.53 13.24
N LEU A 245 -11.92 -2.45 13.63
CA LEU A 245 -12.70 -3.62 13.87
C LEU A 245 -13.12 -4.12 12.50
N ALA A 246 -13.00 -5.42 12.36
CA ALA A 246 -13.43 -6.11 11.16
C ALA A 246 -14.88 -5.74 10.98
N GLY A 247 -15.26 -5.37 9.76
CA GLY A 247 -16.65 -4.97 9.59
C GLY A 247 -16.76 -3.49 9.31
N ALA A 248 -15.77 -2.73 9.73
CA ALA A 248 -15.89 -1.29 9.61
C ALA A 248 -15.88 -0.82 8.16
N GLY A 249 -16.48 0.34 7.94
CA GLY A 249 -16.65 0.90 6.62
C GLY A 249 -16.16 2.36 6.55
N ASP A 250 -16.84 3.14 5.69
CA ASP A 250 -16.43 4.49 5.29
C ASP A 250 -16.34 5.41 6.51
N ASP A 251 -17.40 5.43 7.33
CA ASP A 251 -17.40 6.35 8.45
C ASP A 251 -16.18 6.09 9.36
N SER A 252 -15.92 4.82 9.70
CA SER A 252 -14.82 4.50 10.57
C SER A 252 -13.47 4.89 10.00
N TRP A 253 -13.18 4.51 8.75
CA TRP A 253 -11.85 4.70 8.16
C TRP A 253 -11.51 6.20 8.02
N ARG A 254 -12.49 7.01 7.60
CA ARG A 254 -12.29 8.45 7.52
C ARG A 254 -12.21 9.13 8.88
N TYR A 255 -13.03 8.74 9.86
CA TYR A 255 -12.88 9.17 11.24
C TYR A 255 -11.45 8.89 11.71
N ALA A 256 -10.90 7.68 11.39
CA ALA A 256 -9.57 7.33 11.89
C ALA A 256 -8.52 8.25 11.28
N LEU A 257 -8.66 8.55 10.00
CA LEU A 257 -7.70 9.42 9.33
C LEU A 257 -7.71 10.79 9.99
N GLU A 258 -8.92 11.30 10.30
CA GLU A 258 -9.05 12.72 10.63
C GLU A 258 -8.74 12.91 12.11
N THR A 259 -9.08 11.90 12.90
CA THR A 259 -8.91 12.00 14.33
C THR A 259 -7.51 11.55 14.75
N ILE A 260 -6.84 10.68 13.98
CA ILE A 260 -5.52 10.20 14.39
C ILE A 260 -4.42 10.56 13.37
N VAL A 261 -4.64 10.27 12.08
CA VAL A 261 -3.53 10.22 11.12
C VAL A 261 -3.06 11.63 10.82
N ILE A 262 -3.98 12.45 10.34
CA ILE A 262 -3.65 13.82 9.94
C ILE A 262 -3.03 14.59 11.11
N PRO A 263 -3.64 14.59 12.33
CA PRO A 263 -2.99 15.23 13.49
C PRO A 263 -1.56 14.75 13.75
N ALA A 264 -1.38 13.43 13.49
CA ALA A 264 -0.08 12.82 13.70
C ALA A 264 0.90 13.37 12.66
N LEU A 265 0.42 13.61 11.45
CA LEU A 265 1.25 14.30 10.46
C LEU A 265 1.56 15.73 10.96
N ALA A 266 0.52 16.48 11.29
CA ALA A 266 0.66 17.85 11.78
C ALA A 266 1.75 17.88 12.84
N ARG A 267 1.77 16.93 13.79
CA ARG A 267 2.75 16.98 14.89
C ARG A 267 4.16 16.70 14.39
N PHE A 268 4.31 15.76 13.46
CA PHE A 268 5.64 15.30 13.10
C PHE A 268 6.33 16.16 12.04
N GLU A 269 5.56 16.77 11.15
CA GLU A 269 6.08 17.71 10.15
C GLU A 269 6.98 17.01 9.12
N PRO A 270 6.45 16.15 8.25
CA PRO A 270 7.30 15.45 7.30
C PRO A 270 7.74 16.33 6.13
N GLU A 271 8.81 15.98 5.37
CA GLU A 271 9.07 16.65 4.11
C GLU A 271 8.32 15.98 2.96
N LEU A 272 7.67 14.88 3.25
CA LEU A 272 7.14 13.99 2.23
C LEU A 272 6.14 13.07 2.91
N ILE A 273 4.98 12.89 2.27
CA ILE A 273 4.06 11.84 2.65
C ILE A 273 3.96 10.78 1.56
N ILE A 274 4.08 9.54 2.04
CA ILE A 274 3.96 8.35 1.24
C ILE A 274 2.78 7.53 1.74
N ILE A 275 1.89 7.19 0.79
CA ILE A 275 0.85 6.22 1.10
C ILE A 275 1.26 4.84 0.62
N ALA A 276 1.15 3.87 1.53
CA ALA A 276 1.03 2.47 1.16
C ALA A 276 -0.42 2.17 0.82
N CYS A 277 -0.72 2.14 -0.46
CA CYS A 277 -2.07 2.25 -0.97
C CYS A 277 -2.54 0.88 -1.40
N GLY A 278 -3.16 0.16 -0.48
CA GLY A 278 -3.85 -1.08 -0.78
C GLY A 278 -5.32 -0.78 -0.89
N TYR A 279 -6.04 -1.62 -1.63
CA TYR A 279 -7.48 -1.45 -1.85
C TYR A 279 -8.24 -2.62 -1.24
N ASP A 280 -7.56 -3.45 -0.46
CA ASP A 280 -8.17 -4.65 0.07
C ASP A 280 -9.11 -4.41 1.25
N ALA A 281 -9.23 -3.16 1.67
CA ALA A 281 -10.30 -2.81 2.57
C ALA A 281 -11.65 -2.62 1.85
N ASN A 282 -11.69 -2.79 0.50
CA ASN A 282 -12.93 -2.65 -0.26
C ASN A 282 -13.93 -3.73 0.15
N ALA A 283 -15.19 -3.41 -0.11
CA ALA A 283 -16.28 -4.14 0.51
C ALA A 283 -16.44 -5.53 -0.11
N MET A 284 -15.77 -5.83 -1.24
CA MET A 284 -15.89 -7.16 -1.86
C MET A 284 -14.64 -8.04 -1.79
N ASP A 285 -13.65 -7.59 -1.00
CA ASP A 285 -12.34 -8.23 -0.96
C ASP A 285 -12.40 -9.58 -0.25
N PRO A 286 -11.87 -10.67 -0.83
CA PRO A 286 -11.85 -11.96 -0.15
C PRO A 286 -10.81 -12.04 0.97
N LEU A 287 -9.89 -11.05 1.02
CA LEU A 287 -8.74 -11.18 1.93
C LEU A 287 -8.88 -10.29 3.16
N ALA A 288 -10.05 -9.61 3.32
CA ALA A 288 -10.41 -8.92 4.56
C ALA A 288 -11.93 -8.67 4.61
N ARG A 289 -12.39 -8.00 5.64
CA ARG A 289 -13.81 -7.96 6.01
C ARG A 289 -14.28 -6.51 6.20
N MET A 290 -13.62 -5.56 5.51
CA MET A 290 -13.96 -4.14 5.62
C MET A 290 -14.95 -3.79 4.51
N GLN A 291 -15.70 -2.66 4.67
CA GLN A 291 -16.79 -2.28 3.78
C GLN A 291 -16.54 -0.93 3.05
N LEU A 292 -15.32 -0.65 2.54
CA LEU A 292 -15.03 0.60 1.83
C LEU A 292 -15.52 0.52 0.40
N HIS A 293 -15.84 1.70 -0.11
CA HIS A 293 -16.15 1.85 -1.52
C HIS A 293 -15.22 2.90 -2.13
N SER A 294 -15.42 3.12 -3.44
CA SER A 294 -14.61 4.00 -4.27
C SER A 294 -14.52 5.40 -3.65
N ASP A 295 -15.63 5.93 -3.11
CA ASP A 295 -15.66 7.28 -2.53
C ASP A 295 -14.88 7.31 -1.23
N SER A 296 -14.86 6.18 -0.48
CA SER A 296 -14.00 6.07 0.70
C SER A 296 -12.53 6.35 0.34
N PHE A 297 -11.99 5.66 -0.67
CA PHE A 297 -10.60 5.82 -1.08
C PHE A 297 -10.41 7.22 -1.65
N ARG A 298 -11.44 7.73 -2.35
CA ARG A 298 -11.39 9.09 -2.89
C ARG A 298 -11.17 10.12 -1.79
N ALA A 299 -11.95 10.00 -0.70
CA ALA A 299 -11.89 10.92 0.44
C ALA A 299 -10.55 10.82 1.16
N MET A 300 -10.05 9.60 1.37
CA MET A 300 -8.81 9.42 2.10
C MET A 300 -7.64 10.05 1.35
N THR A 301 -7.71 9.96 0.03
CA THR A 301 -6.71 10.54 -0.84
C THR A 301 -6.81 12.06 -0.73
N GLU A 302 -8.02 12.59 -0.75
CA GLU A 302 -8.25 14.00 -0.44
C GLU A 302 -7.63 14.43 0.91
N GLN A 303 -7.90 13.71 1.99
CA GLN A 303 -7.42 14.11 3.29
C GLN A 303 -5.89 14.17 3.30
N VAL A 304 -5.21 13.19 2.69
CA VAL A 304 -3.76 13.16 2.74
C VAL A 304 -3.19 14.14 1.73
N GLN A 305 -3.85 14.38 0.60
CA GLN A 305 -3.33 15.38 -0.31
C GLN A 305 -3.36 16.75 0.38
N GLN A 306 -4.43 17.01 1.15
CA GLN A 306 -4.60 18.33 1.73
C GLN A 306 -3.59 18.54 2.87
N ALA A 307 -3.41 17.53 3.73
CA ALA A 307 -2.31 17.55 4.70
C ALA A 307 -0.97 17.83 4.00
N ALA A 308 -0.74 17.17 2.87
CA ALA A 308 0.49 17.35 2.11
C ALA A 308 0.65 18.79 1.63
N ASP A 309 -0.49 19.38 1.26
CA ASP A 309 -0.53 20.78 0.83
C ASP A 309 -0.13 21.73 1.97
N ARG A 310 -0.62 21.46 3.20
CA ARG A 310 -0.36 22.29 4.37
C ARG A 310 1.08 22.14 4.89
N LEU A 311 1.68 20.94 4.79
CA LEU A 311 2.87 20.50 5.51
C LEU A 311 4.09 20.32 4.61
N CYS A 312 3.94 19.85 3.37
CA CYS A 312 5.18 19.59 2.61
C CYS A 312 5.06 19.89 1.11
N GLY A 313 4.44 21.01 0.77
CA GLY A 313 4.49 21.56 -0.58
C GLY A 313 3.65 20.75 -1.57
N GLY A 314 2.80 19.87 -1.04
CA GLY A 314 1.88 19.07 -1.83
C GLY A 314 2.50 17.71 -2.22
N LYS A 315 3.69 17.43 -1.65
CA LYS A 315 4.50 16.31 -2.07
C LYS A 315 3.95 15.05 -1.41
N LEU A 316 3.22 14.29 -2.25
CA LEU A 316 2.54 13.04 -1.94
C LEU A 316 2.90 12.00 -3.00
N VAL A 317 3.34 10.84 -2.52
CA VAL A 317 3.58 9.69 -3.35
C VAL A 317 2.72 8.54 -2.81
N MET A 318 2.05 7.86 -3.76
CA MET A 318 1.26 6.69 -3.41
C MET A 318 1.86 5.46 -4.08
N VAL A 319 1.94 4.35 -3.35
CA VAL A 319 2.52 3.15 -3.91
C VAL A 319 1.58 1.99 -3.69
N HIS A 320 1.20 1.35 -4.79
CA HIS A 320 0.22 0.28 -4.75
C HIS A 320 0.75 -0.90 -3.93
N GLU A 321 -0.16 -1.45 -3.11
CA GLU A 321 0.09 -2.62 -2.29
C GLU A 321 -0.94 -3.72 -2.70
N GLY A 322 -1.89 -4.03 -1.80
CA GLY A 322 -2.83 -5.12 -1.92
C GLY A 322 -4.14 -4.63 -2.56
N GLY A 323 -5.12 -5.53 -2.60
CA GLY A 323 -6.37 -5.36 -3.34
C GLY A 323 -6.67 -6.60 -4.20
N TYR A 324 -7.73 -7.38 -3.85
CA TYR A 324 -7.96 -8.70 -4.46
C TYR A 324 -9.36 -8.87 -5.07
N ALA A 325 -10.21 -7.84 -5.05
CA ALA A 325 -11.49 -7.88 -5.73
C ALA A 325 -11.38 -7.42 -7.19
N GLU A 326 -11.34 -8.37 -8.13
CA GLU A 326 -10.94 -8.18 -9.52
C GLU A 326 -11.94 -7.23 -10.20
N SER A 327 -13.22 -7.30 -9.82
CA SER A 327 -14.22 -6.49 -10.49
C SER A 327 -14.32 -5.09 -9.80
N TYR A 328 -13.98 -4.99 -8.52
CA TYR A 328 -14.27 -3.75 -7.81
C TYR A 328 -13.02 -2.90 -7.59
N VAL A 329 -11.82 -3.47 -7.38
CA VAL A 329 -10.64 -2.66 -7.12
C VAL A 329 -10.46 -1.61 -8.22
N PRO A 330 -10.68 -1.89 -9.51
CA PRO A 330 -10.43 -0.83 -10.48
C PRO A 330 -11.21 0.47 -10.23
N PHE A 331 -12.42 0.34 -9.65
CA PHE A 331 -13.24 1.55 -9.47
C PHE A 331 -12.62 2.39 -8.35
N CYS A 332 -12.00 1.68 -7.41
CA CYS A 332 -11.35 2.28 -6.27
C CYS A 332 -10.03 2.97 -6.67
N GLY A 333 -9.24 2.30 -7.51
CA GLY A 333 -8.00 2.92 -7.93
C GLY A 333 -8.30 4.08 -8.86
N LEU A 334 -9.31 3.97 -9.69
CA LEU A 334 -9.69 5.09 -10.52
C LEU A 334 -9.95 6.29 -9.60
N ALA A 335 -10.84 6.13 -8.62
CA ALA A 335 -11.21 7.21 -7.72
C ALA A 335 -9.95 7.83 -7.12
N VAL A 336 -9.01 6.98 -6.69
CA VAL A 336 -7.76 7.44 -6.11
C VAL A 336 -7.05 8.29 -7.13
N MET A 337 -6.99 7.86 -8.38
CA MET A 337 -6.15 8.59 -9.33
C MET A 337 -6.83 9.92 -9.70
N GLU A 338 -8.16 9.86 -9.72
CA GLU A 338 -8.95 11.05 -9.92
C GLU A 338 -8.71 12.07 -8.79
N ALA A 339 -8.75 11.66 -7.50
CA ALA A 339 -8.49 12.63 -6.43
C ALA A 339 -7.05 13.10 -6.50
N LEU A 340 -6.16 12.21 -6.87
CA LEU A 340 -4.77 12.56 -6.83
C LEU A 340 -4.46 13.54 -7.93
N SER A 341 -5.11 13.38 -9.10
CA SER A 341 -4.76 14.19 -10.28
C SER A 341 -5.56 15.48 -10.33
N GLY A 342 -6.65 15.51 -9.57
CA GLY A 342 -7.59 16.61 -9.61
C GLY A 342 -8.57 16.49 -10.77
N ILE A 343 -8.61 15.37 -11.49
CA ILE A 343 -9.41 15.28 -12.70
C ILE A 343 -10.52 14.26 -12.48
N ARG A 344 -11.77 14.64 -12.82
CA ARG A 344 -12.96 13.80 -12.67
C ARG A 344 -13.42 13.28 -14.03
N THR A 345 -13.36 11.96 -14.28
CA THR A 345 -13.87 11.36 -15.50
C THR A 345 -15.39 11.24 -15.39
N GLU A 346 -15.99 10.67 -16.43
CA GLU A 346 -17.42 10.36 -16.42
C GLU A 346 -17.75 9.05 -15.71
N VAL A 347 -16.80 8.27 -15.19
CA VAL A 347 -17.18 6.97 -14.63
C VAL A 347 -17.91 7.12 -13.29
N GLN A 348 -19.06 6.46 -13.15
CA GLN A 348 -19.80 6.33 -11.92
C GLN A 348 -19.63 4.86 -11.52
N ASP A 349 -19.12 4.63 -10.30
CA ASP A 349 -18.93 3.34 -9.70
C ASP A 349 -20.29 2.73 -9.55
N PRO A 350 -20.56 1.64 -10.30
CA PRO A 350 -21.87 0.99 -10.30
C PRO A 350 -22.26 0.30 -9.01
N LEU A 351 -21.33 0.16 -8.05
CA LEU A 351 -21.65 -0.46 -6.76
C LEU A 351 -21.71 0.55 -5.61
N LEU A 352 -21.48 1.84 -5.89
CA LEU A 352 -21.29 2.81 -4.84
C LEU A 352 -22.52 2.85 -3.96
N GLU A 353 -23.67 3.02 -4.58
CA GLU A 353 -24.90 3.15 -3.81
C GLU A 353 -25.23 1.88 -3.05
N PHE A 354 -25.04 0.71 -3.68
CA PHE A 354 -25.23 -0.58 -3.00
C PHE A 354 -24.31 -0.69 -1.78
N ILE A 355 -23.02 -0.39 -1.93
CA ILE A 355 -22.18 -0.59 -0.75
C ILE A 355 -22.52 0.44 0.35
N GLN A 356 -22.90 1.68 -0.03
CA GLN A 356 -23.35 2.68 0.94
C GLN A 356 -24.49 2.17 1.80
N GLN A 357 -25.40 1.40 1.19
CA GLN A 357 -26.51 0.89 1.97
C GLN A 357 -26.10 -0.20 2.96
N GLN A 358 -24.96 -0.79 2.76
CA GLN A 358 -24.51 -1.97 3.50
C GLN A 358 -23.74 -1.55 4.76
N GLN A 359 -23.49 -0.23 4.86
CA GLN A 359 -22.59 0.29 5.88
C GLN A 359 -23.15 -0.03 7.25
N PRO A 360 -22.26 -0.24 8.24
CA PRO A 360 -22.70 -0.51 9.62
C PRO A 360 -23.60 0.65 10.06
N ARG A 361 -24.68 0.32 10.78
CA ARG A 361 -25.55 1.25 11.47
C ARG A 361 -24.81 2.01 12.59
N ALA A 362 -25.56 2.92 13.23
CA ALA A 362 -24.94 3.90 14.10
C ALA A 362 -24.36 3.28 15.38
N THR A 363 -24.96 2.20 15.87
CA THR A 363 -24.43 1.56 17.08
C THR A 363 -22.95 1.17 16.90
N PHE A 364 -22.65 0.47 15.80
CA PHE A 364 -21.26 0.09 15.52
C PHE A 364 -20.40 1.32 15.25
N ALA A 365 -20.95 2.23 14.41
CA ALA A 365 -20.21 3.36 13.95
C ALA A 365 -19.71 4.13 15.18
N GLN A 366 -20.58 4.25 16.19
CA GLN A 366 -20.24 4.97 17.42
C GLN A 366 -19.28 4.18 18.28
N PHE A 367 -19.49 2.87 18.38
CA PHE A 367 -18.52 2.02 19.07
C PHE A 367 -17.10 2.16 18.48
N GLN A 368 -16.99 2.14 17.13
CA GLN A 368 -15.71 2.30 16.45
C GLN A 368 -15.05 3.67 16.67
N ARG A 369 -15.83 4.73 16.52
CA ARG A 369 -15.39 6.09 16.84
C ARG A 369 -14.87 6.20 18.26
N GLN A 370 -15.59 5.62 19.22
CA GLN A 370 -15.15 5.59 20.61
C GLN A 370 -13.76 4.97 20.73
N ALA A 371 -13.59 3.84 20.02
CA ALA A 371 -12.33 3.11 20.09
C ALA A 371 -11.18 3.94 19.52
N ILE A 372 -11.48 4.66 18.42
CA ILE A 372 -10.52 5.53 17.74
C ILE A 372 -10.19 6.73 18.64
N ASP A 373 -11.20 7.28 19.32
CA ASP A 373 -11.00 8.31 20.34
C ASP A 373 -10.00 7.88 21.42
N ARG A 374 -10.09 6.62 21.88
CA ARG A 374 -9.27 6.17 23.00
C ARG A 374 -7.83 5.97 22.53
N LEU A 375 -7.67 5.64 21.24
CA LEU A 375 -6.36 5.53 20.62
C LEU A 375 -5.75 6.91 20.41
N ALA A 376 -6.50 7.84 19.83
CA ALA A 376 -5.98 9.19 19.75
C ALA A 376 -5.53 9.67 21.15
N GLN A 377 -6.36 9.46 22.20
CA GLN A 377 -5.92 9.84 23.53
C GLN A 377 -4.65 9.09 23.89
N GLN A 378 -4.61 7.76 23.69
CA GLN A 378 -3.43 6.99 24.06
C GLN A 378 -2.17 7.52 23.33
N PHE A 379 -2.27 8.02 22.09
CA PHE A 379 -1.08 8.41 21.33
C PHE A 379 -0.76 9.88 21.57
N GLY A 380 -1.43 10.51 22.52
CA GLY A 380 -1.22 11.91 22.84
C GLY A 380 -1.73 12.88 21.79
N LEU A 381 -2.82 12.57 21.08
CA LEU A 381 -3.34 13.43 20.04
C LEU A 381 -4.72 14.02 20.35
N GLN A 382 -5.35 13.78 21.52
CA GLN A 382 -6.70 14.26 21.76
C GLN A 382 -6.86 14.63 23.24
#